data_8P6O
#
_entry.id   8P6O
#
_cell.length_a   33.920
_cell.length_b   39.880
_cell.length_c   42.550
_cell.angle_alpha   73.920
_cell.angle_beta   77.080
_cell.angle_gamma   69.850
#
_symmetry.space_group_name_H-M   'P 1'
#
loop_
_entity.id
_entity.type
_entity.pdbx_description
1 polymer 'Alginate lyase'
2 branched 'beta-D-mannopyranuronic acid-(1-4)-alpha-D-mannopyranuronic acid'
3 branched 'beta-D-mannopyranuronic acid-(1-4)-beta-D-mannopyranuronic acid'
4 non-polymer 'SULFATE ION'
5 water water
#
_entity_poly.entity_id   1
_entity_poly.type   'polypeptide(L)'
_entity_poly.pdbx_seq_one_letter_code
;EFLTAVSSIDTFLPVLNEAKLQWPTSALAASSEELLGGYVGSQFYLQDGKYMQFQIAGSSNRCELRQMIPDGGSEIGWAV
DDGTTHTATSSIVVPEQVDGVEEVTIMQIHSGEAPQLRISWIRSKSLDGVAYEDFIMSTVRIGTGDSSDNFVKTHLADRT
AGAMSFQIDVKDSKLTITVNGNVVVNGQDLSFWDGTDSCYFKAGAFNNNPTSESATARIKFAALAWVDHHHHHH
;
_entity_poly.pdbx_strand_id   A
#
# COMPACT_ATOMS: atom_id res chain seq x y z
N PHE A 2 -6.64 -16.72 21.17
CA PHE A 2 -5.99 -16.01 20.08
C PHE A 2 -6.82 -14.82 19.63
N LEU A 3 -6.16 -13.91 18.94
CA LEU A 3 -6.88 -12.81 18.33
C LEU A 3 -7.76 -13.35 17.20
N THR A 4 -8.75 -12.55 16.83
CA THR A 4 -9.66 -12.92 15.76
C THR A 4 -8.98 -12.79 14.41
N ALA A 5 -9.11 -13.81 13.58
CA ALA A 5 -8.43 -13.80 12.29
C ALA A 5 -9.19 -12.97 11.27
N VAL A 6 -8.44 -12.32 10.40
CA VAL A 6 -9.03 -11.54 9.31
C VAL A 6 -9.95 -12.40 8.44
N SER A 7 -9.56 -13.66 8.20
CA SER A 7 -10.36 -14.53 7.34
C SER A 7 -11.62 -15.05 7.99
N SER A 8 -11.91 -14.69 9.24
CA SER A 8 -13.12 -15.17 9.89
C SER A 8 -14.38 -14.49 9.40
N ILE A 9 -14.26 -13.43 8.60
CA ILE A 9 -15.39 -12.79 7.93
C ILE A 9 -15.16 -12.85 6.42
N ASP A 10 -16.18 -12.45 5.65
CA ASP A 10 -16.09 -12.55 4.20
C ASP A 10 -15.33 -11.40 3.55
N THR A 11 -15.17 -10.28 4.25
CA THR A 11 -14.87 -9.01 3.59
C THR A 11 -13.57 -9.07 2.80
N PHE A 12 -12.53 -9.72 3.33
CA PHE A 12 -11.20 -9.64 2.74
C PHE A 12 -10.82 -10.91 1.99
N LEU A 13 -11.72 -11.88 1.86
CA LEU A 13 -11.32 -13.12 1.20
C LEU A 13 -10.85 -12.88 -0.24
N PRO A 14 -11.47 -12.00 -1.03
CA PRO A 14 -10.99 -11.87 -2.41
C PRO A 14 -9.53 -11.43 -2.48
N VAL A 15 -9.13 -10.44 -1.69
CA VAL A 15 -7.73 -10.02 -1.76
C VAL A 15 -6.81 -11.06 -1.15
N LEU A 16 -7.23 -11.71 -0.05
CA LEU A 16 -6.37 -12.73 0.56
C LEU A 16 -6.15 -13.90 -0.38
N ASN A 17 -7.13 -14.17 -1.25
CA ASN A 17 -6.99 -15.22 -2.27
C ASN A 17 -5.99 -14.85 -3.35
N GLU A 18 -5.50 -13.61 -3.37
CA GLU A 18 -4.51 -13.16 -4.34
C GLU A 18 -3.41 -12.36 -3.64
N ALA A 19 -2.98 -12.86 -2.47
CA ALA A 19 -1.92 -12.21 -1.73
C ALA A 19 -1.15 -13.21 -0.89
N LYS A 20 0.11 -12.89 -0.65
CA LYS A 20 0.87 -13.43 0.46
C LYS A 20 1.16 -12.30 1.43
N LEU A 21 1.43 -12.65 2.68
CA LEU A 21 1.82 -11.68 3.70
C LEU A 21 3.32 -11.76 3.94
N GLN A 22 3.97 -10.60 3.90
CA GLN A 22 5.37 -10.43 4.25
C GLN A 22 5.43 -9.75 5.61
N TRP A 23 6.09 -10.39 6.56
CA TRP A 23 6.21 -9.86 7.92
C TRP A 23 7.28 -10.65 8.65
N PRO A 24 8.15 -10.02 9.44
CA PRO A 24 8.30 -8.58 9.65
C PRO A 24 9.23 -7.91 8.64
N THR A 25 9.66 -8.68 7.64
CA THR A 25 10.51 -8.18 6.56
C THR A 25 9.85 -8.56 5.25
N SER A 26 10.61 -8.52 4.15
CA SER A 26 10.10 -9.06 2.89
CA SER A 26 10.10 -9.06 2.88
C SER A 26 9.99 -10.58 2.89
N ALA A 27 10.54 -11.26 3.89
CA ALA A 27 10.39 -12.70 3.97
C ALA A 27 8.93 -13.07 4.14
N LEU A 28 8.58 -14.24 3.60
CA LEU A 28 7.22 -14.72 3.68
C LEU A 28 6.81 -14.98 5.12
N ALA A 29 5.65 -14.47 5.51
CA ALA A 29 5.02 -14.81 6.77
C ALA A 29 3.85 -15.78 6.61
N ALA A 30 3.04 -15.62 5.57
CA ALA A 30 1.88 -16.46 5.37
C ALA A 30 1.55 -16.53 3.89
N SER A 31 1.36 -17.75 3.38
CA SER A 31 0.86 -17.94 2.05
C SER A 31 -0.60 -17.49 1.97
N SER A 32 -1.09 -17.33 0.73
CA SER A 32 -2.49 -17.04 0.50
C SER A 32 -3.39 -18.01 1.23
N GLU A 33 -3.09 -19.31 1.15
CA GLU A 33 -3.96 -20.29 1.79
CA GLU A 33 -3.96 -20.29 1.80
C GLU A 33 -3.90 -20.18 3.31
N GLU A 34 -2.73 -19.87 3.87
CA GLU A 34 -2.65 -19.62 5.30
C GLU A 34 -3.50 -18.42 5.70
N LEU A 35 -3.45 -17.35 4.90
CA LEU A 35 -4.25 -16.16 5.18
C LEU A 35 -5.73 -16.49 5.13
N LEU A 36 -6.17 -17.22 4.10
CA LEU A 36 -7.56 -17.60 3.98
C LEU A 36 -7.98 -18.58 5.05
N GLY A 37 -7.01 -19.25 5.66
CA GLY A 37 -7.25 -20.29 6.64
C GLY A 37 -6.91 -19.89 8.06
N GLY A 38 -7.01 -18.62 8.39
CA GLY A 38 -6.99 -18.20 9.78
C GLY A 38 -5.67 -17.70 10.32
N TYR A 39 -4.66 -17.47 9.50
CA TYR A 39 -3.42 -16.90 10.01
C TYR A 39 -3.71 -15.62 10.78
N VAL A 40 -3.10 -15.47 11.95
CA VAL A 40 -3.39 -14.34 12.82
C VAL A 40 -2.23 -14.10 13.77
N GLY A 41 -2.04 -12.85 14.15
CA GLY A 41 -1.18 -12.46 15.25
C GLY A 41 -1.38 -10.99 15.53
N SER A 42 -0.65 -10.46 16.51
CA SER A 42 -0.78 -9.04 16.82
CA SER A 42 -0.77 -9.04 16.82
C SER A 42 -0.45 -8.18 15.62
N GLN A 43 0.39 -8.67 14.71
CA GLN A 43 0.78 -7.93 13.52
C GLN A 43 -0.32 -7.87 12.46
N PHE A 44 -1.32 -8.76 12.52
CA PHE A 44 -2.27 -8.96 11.42
C PHE A 44 -3.50 -9.65 12.02
N TYR A 45 -4.53 -8.87 12.33
CA TYR A 45 -5.71 -9.43 12.97
C TYR A 45 -6.93 -8.58 12.62
N LEU A 46 -8.09 -9.15 12.89
CA LEU A 46 -9.37 -8.49 12.66
C LEU A 46 -9.69 -7.60 13.86
N GLN A 47 -9.82 -6.31 13.60
CA GLN A 47 -9.89 -5.27 14.61
C GLN A 47 -11.29 -4.68 14.57
N ASP A 48 -11.91 -4.52 15.74
CA ASP A 48 -13.26 -3.98 15.87
C ASP A 48 -14.28 -4.80 15.09
N GLY A 49 -13.99 -6.08 14.85
CA GLY A 49 -14.90 -6.94 14.10
C GLY A 49 -14.95 -6.67 12.61
N LYS A 50 -14.12 -5.76 12.09
CA LYS A 50 -14.31 -5.34 10.71
C LYS A 50 -13.07 -4.87 9.97
N TYR A 51 -11.96 -4.54 10.65
CA TYR A 51 -10.80 -4.02 9.95
C TYR A 51 -9.71 -5.07 9.88
N MET A 52 -9.06 -5.16 8.72
CA MET A 52 -7.82 -5.90 8.56
C MET A 52 -6.71 -4.96 9.01
N GLN A 53 -6.15 -5.19 10.19
CA GLN A 53 -5.18 -4.27 10.77
C GLN A 53 -3.78 -4.85 10.70
N PHE A 54 -2.84 -4.01 10.27
CA PHE A 54 -1.42 -4.30 10.19
C PHE A 54 -0.68 -3.47 11.24
N GLN A 55 0.29 -4.08 11.92
CA GLN A 55 1.14 -3.37 12.87
CA GLN A 55 1.14 -3.31 12.82
C GLN A 55 2.58 -3.81 12.72
N ILE A 56 3.52 -2.87 12.79
CA ILE A 56 4.92 -3.19 12.62
C ILE A 56 5.77 -2.06 13.22
N ALA A 57 6.87 -2.46 13.88
CA ALA A 57 7.92 -1.58 14.35
C ALA A 57 9.22 -1.92 13.65
N GLY A 58 10.13 -0.94 13.60
CA GLY A 58 11.49 -1.14 13.14
C GLY A 58 11.71 -0.50 11.77
N SER A 59 12.92 0.01 11.56
CA SER A 59 13.24 0.71 10.32
CA SER A 59 13.23 0.71 10.31
C SER A 59 13.18 -0.25 9.13
N SER A 60 12.32 0.08 8.16
CA SER A 60 12.14 -0.68 6.93
C SER A 60 11.52 -2.05 7.14
N ASN A 61 11.03 -2.33 8.33
CA ASN A 61 10.23 -3.52 8.55
CA ASN A 61 10.23 -3.52 8.54
C ASN A 61 8.84 -3.30 7.97
N ARG A 62 8.12 -4.40 7.76
CA ARG A 62 6.81 -4.33 7.16
C ARG A 62 5.91 -5.42 7.67
N CYS A 63 4.61 -5.17 7.53
CA CYS A 63 3.57 -6.20 7.57
C CYS A 63 2.70 -5.85 6.36
N GLU A 64 2.90 -6.56 5.26
CA GLU A 64 2.39 -6.11 3.98
CA GLU A 64 2.39 -6.11 3.97
C GLU A 64 1.92 -7.28 3.13
N LEU A 65 0.76 -7.10 2.49
CA LEU A 65 0.29 -8.02 1.48
C LEU A 65 0.99 -7.71 0.16
N ARG A 66 1.27 -8.77 -0.60
CA ARG A 66 1.97 -8.71 -1.89
C ARG A 66 1.14 -9.51 -2.88
N GLN A 67 0.74 -8.88 -3.98
CA GLN A 67 -0.20 -9.48 -4.92
C GLN A 67 0.36 -10.77 -5.52
N MET A 68 -0.47 -11.81 -5.53
CA MET A 68 -0.15 -13.10 -6.10
C MET A 68 -1.17 -13.46 -7.18
N ILE A 69 -0.80 -14.40 -8.03
CA ILE A 69 -1.76 -14.99 -8.96
C ILE A 69 -2.86 -15.64 -8.12
N PRO A 70 -4.14 -15.45 -8.45
CA PRO A 70 -5.19 -15.94 -7.55
C PRO A 70 -5.22 -17.46 -7.47
N ASP A 71 -5.85 -17.94 -6.39
CA ASP A 71 -6.18 -19.37 -6.26
C ASP A 71 -4.93 -20.22 -6.06
N GLY A 72 -3.99 -19.73 -5.25
CA GLY A 72 -2.81 -20.50 -4.92
C GLY A 72 -1.67 -20.36 -5.90
N GLY A 73 -1.68 -19.34 -6.77
CA GLY A 73 -0.63 -19.17 -7.73
C GLY A 73 0.61 -18.52 -7.14
N SER A 74 1.61 -18.37 -8.00
CA SER A 74 2.88 -17.78 -7.59
CA SER A 74 2.87 -17.78 -7.60
C SER A 74 2.80 -16.26 -7.72
N GLU A 75 3.93 -15.59 -7.52
CA GLU A 75 3.99 -14.14 -7.60
C GLU A 75 3.54 -13.64 -8.96
N ILE A 76 2.72 -12.61 -8.97
CA ILE A 76 2.25 -12.03 -10.22
C ILE A 76 3.21 -10.94 -10.67
N GLY A 77 3.21 -10.71 -11.99
CA GLY A 77 3.86 -9.56 -12.58
C GLY A 77 3.03 -9.06 -13.72
N TRP A 78 2.78 -7.76 -13.77
CA TRP A 78 2.04 -7.17 -14.88
C TRP A 78 2.74 -5.91 -15.37
N ALA A 79 2.28 -5.43 -16.52
CA ALA A 79 2.83 -4.26 -17.19
C ALA A 79 1.87 -3.09 -17.07
N VAL A 80 2.43 -1.87 -17.12
CA VAL A 80 1.63 -0.66 -16.97
C VAL A 80 0.83 -0.32 -18.21
N ASP A 81 1.07 -1.00 -19.33
CA ASP A 81 0.52 -0.62 -20.63
C ASP A 81 -0.01 -1.84 -21.40
N ASP A 82 -0.58 -2.81 -20.70
CA ASP A 82 -1.14 -3.98 -21.38
C ASP A 82 -2.54 -3.73 -21.97
N GLY A 83 -3.07 -2.52 -21.84
CA GLY A 83 -4.36 -2.19 -22.39
C GLY A 83 -5.51 -2.40 -21.44
N THR A 84 -5.30 -3.12 -20.34
CA THR A 84 -6.30 -3.28 -19.30
C THR A 84 -6.14 -2.18 -18.26
N THR A 85 -7.05 -2.14 -17.30
CA THR A 85 -6.88 -1.27 -16.15
C THR A 85 -6.62 -2.15 -14.93
N HIS A 86 -5.45 -1.95 -14.31
CA HIS A 86 -5.13 -2.57 -13.03
C HIS A 86 -5.57 -1.62 -11.94
N THR A 87 -6.39 -2.10 -11.02
CA THR A 87 -7.02 -1.24 -10.03
C THR A 87 -6.89 -1.82 -8.63
N ALA A 88 -6.46 -0.98 -7.71
CA ALA A 88 -6.48 -1.28 -6.29
C ALA A 88 -7.39 -0.29 -5.62
N THR A 89 -8.37 -0.79 -4.87
CA THR A 89 -9.34 0.03 -4.15
CA THR A 89 -9.34 0.04 -4.15
C THR A 89 -9.30 -0.30 -2.68
N SER A 90 -9.23 0.72 -1.84
CA SER A 90 -9.16 0.49 -0.41
C SER A 90 -10.00 1.50 0.34
N SER A 91 -10.31 1.14 1.57
CA SER A 91 -10.85 2.07 2.55
C SER A 91 -10.01 1.90 3.79
N ILE A 92 -9.33 2.96 4.24
CA ILE A 92 -8.29 2.87 5.25
C ILE A 92 -8.58 3.84 6.37
N VAL A 93 -8.52 3.35 7.60
CA VAL A 93 -8.45 4.21 8.77
C VAL A 93 -7.00 4.28 9.18
N VAL A 94 -6.41 5.46 9.03
CA VAL A 94 -5.06 5.74 9.48
C VAL A 94 -5.20 6.43 10.83
N PRO A 95 -4.98 5.74 11.95
CA PRO A 95 -5.10 6.40 13.26
CA PRO A 95 -5.10 6.40 13.26
C PRO A 95 -3.94 7.35 13.47
N GLU A 96 -4.05 8.17 14.50
CA GLU A 96 -2.90 8.95 14.94
CA GLU A 96 -2.91 8.95 14.93
C GLU A 96 -1.76 7.99 15.22
N GLN A 97 -0.60 8.27 14.66
CA GLN A 97 0.53 7.37 14.82
C GLN A 97 1.33 7.72 16.05
N VAL A 98 1.85 6.71 16.72
CA VAL A 98 2.56 6.94 17.97
C VAL A 98 3.88 7.65 17.70
N ASP A 99 4.36 8.34 18.73
CA ASP A 99 5.64 9.03 18.65
C ASP A 99 6.72 8.06 18.21
N GLY A 100 7.54 8.48 17.28
CA GLY A 100 8.60 7.67 16.73
C GLY A 100 8.30 7.13 15.35
N VAL A 101 7.03 7.05 14.99
CA VAL A 101 6.62 6.67 13.64
C VAL A 101 6.56 7.94 12.80
N GLU A 102 7.27 7.95 11.67
CA GLU A 102 7.41 9.14 10.84
C GLU A 102 6.81 9.02 9.44
N GLU A 103 6.79 7.81 8.87
CA GLU A 103 6.23 7.60 7.54
C GLU A 103 5.83 6.14 7.46
N VAL A 104 4.62 5.88 6.97
CA VAL A 104 4.15 4.52 6.82
C VAL A 104 3.57 4.35 5.42
N THR A 105 4.18 3.49 4.64
CA THR A 105 3.68 3.16 3.32
C THR A 105 2.53 2.18 3.45
N ILE A 106 1.37 2.54 2.88
CA ILE A 106 0.14 1.80 3.06
C ILE A 106 -0.37 1.15 1.78
N MET A 107 0.01 1.66 0.60
CA MET A 107 -0.24 0.97 -0.65
C MET A 107 0.95 1.20 -1.56
N GLN A 108 1.24 0.23 -2.42
CA GLN A 108 2.29 0.37 -3.41
C GLN A 108 1.88 -0.22 -4.75
N ILE A 109 2.55 0.28 -5.79
CA ILE A 109 2.85 -0.48 -7.01
C ILE A 109 4.36 -0.68 -6.98
N HIS A 110 4.81 -1.91 -7.10
CA HIS A 110 6.23 -2.24 -7.01
C HIS A 110 6.56 -3.23 -8.10
N SER A 111 7.82 -3.27 -8.49
CA SER A 111 8.26 -4.23 -9.49
C SER A 111 9.49 -4.97 -8.99
N GLY A 112 10.17 -5.70 -9.86
CA GLY A 112 11.40 -6.35 -9.45
C GLY A 112 12.44 -5.39 -8.93
N GLU A 113 12.45 -4.16 -9.47
CA GLU A 113 13.55 -3.23 -9.22
C GLU A 113 13.21 -2.14 -8.21
N ALA A 114 11.96 -1.66 -8.15
CA ALA A 114 11.70 -0.42 -7.41
C ALA A 114 10.21 -0.21 -7.23
N PRO A 115 9.81 0.72 -6.35
CA PRO A 115 8.40 1.13 -6.25
C PRO A 115 8.05 2.15 -7.30
N GLN A 116 7.14 1.78 -8.20
CA GLN A 116 6.54 2.77 -9.09
C GLN A 116 5.76 3.80 -8.30
N LEU A 117 5.06 3.37 -7.25
CA LEU A 117 4.19 4.21 -6.47
C LEU A 117 4.22 3.76 -5.02
N ARG A 118 4.38 4.71 -4.11
CA ARG A 118 4.04 4.51 -2.71
C ARG A 118 3.01 5.54 -2.30
N ILE A 119 1.93 5.09 -1.68
CA ILE A 119 1.03 5.95 -0.93
C ILE A 119 1.44 5.79 0.52
N SER A 120 1.78 6.90 1.19
CA SER A 120 2.24 6.81 2.56
CA SER A 120 2.26 6.81 2.55
C SER A 120 1.64 7.91 3.41
N TRP A 121 1.41 7.59 4.68
CA TRP A 121 1.19 8.60 5.70
C TRP A 121 2.55 9.16 6.07
N ILE A 122 2.62 10.47 6.32
CA ILE A 122 3.86 11.09 6.71
CA ILE A 122 3.86 11.14 6.68
C ILE A 122 3.58 12.18 7.76
N ARG A 123 4.43 12.20 8.78
CA ARG A 123 4.22 13.11 9.90
C ARG A 123 4.40 14.58 9.50
N SER A 124 5.47 14.89 8.77
CA SER A 124 5.69 16.26 8.33
CA SER A 124 5.71 16.27 8.34
C SER A 124 6.65 16.23 7.15
N LYS A 125 6.42 17.12 6.19
CA LYS A 125 7.26 17.16 5.01
C LYS A 125 7.00 18.44 4.26
N SER A 126 8.05 18.94 3.61
CA SER A 126 7.92 20.02 2.65
C SER A 126 7.87 19.43 1.25
N LEU A 127 6.86 19.84 0.47
CA LEU A 127 6.70 19.41 -0.92
C LEU A 127 6.61 20.67 -1.77
N ASP A 128 7.53 20.80 -2.72
CA ASP A 128 7.51 21.93 -3.64
C ASP A 128 7.44 23.25 -2.88
N GLY A 129 8.21 23.36 -1.80
CA GLY A 129 8.32 24.60 -1.07
C GLY A 129 7.22 24.86 -0.07
N VAL A 130 6.33 23.88 0.17
CA VAL A 130 5.16 24.04 1.02
C VAL A 130 5.16 22.96 2.10
N ALA A 131 5.01 23.39 3.35
CA ALA A 131 4.98 22.46 4.47
C ALA A 131 3.61 21.83 4.63
N TYR A 132 3.62 20.52 4.87
CA TYR A 132 2.42 19.77 5.20
CA TYR A 132 2.42 19.78 5.21
C TYR A 132 2.69 18.92 6.43
N GLU A 133 1.63 18.68 7.20
CA GLU A 133 1.70 17.91 8.44
C GLU A 133 0.63 16.84 8.45
N ASP A 134 0.96 15.66 8.99
CA ASP A 134 0.00 14.59 9.29
C ASP A 134 -0.90 14.32 8.09
N PHE A 135 -0.28 13.86 7.00
CA PHE A 135 -0.96 13.81 5.72
C PHE A 135 -0.60 12.54 4.95
N ILE A 136 -1.33 12.33 3.87
CA ILE A 136 -1.14 11.20 2.99
C ILE A 136 -0.52 11.72 1.70
N MET A 137 0.55 11.08 1.28
CA MET A 137 1.38 11.47 0.16
C MET A 137 1.45 10.36 -0.88
N SER A 138 1.57 10.73 -2.14
CA SER A 138 1.98 9.80 -3.18
CA SER A 138 1.97 9.81 -3.19
C SER A 138 3.40 10.14 -3.63
N THR A 139 4.21 9.10 -3.79
CA THR A 139 5.55 9.20 -4.35
C THR A 139 5.61 8.28 -5.55
N VAL A 140 5.75 8.86 -6.73
CA VAL A 140 5.83 8.12 -7.98
C VAL A 140 7.28 8.20 -8.46
N ARG A 141 7.85 7.05 -8.84
CA ARG A 141 9.15 7.04 -9.48
C ARG A 141 9.00 7.16 -10.98
N ILE A 142 9.69 8.15 -11.54
CA ILE A 142 9.85 8.33 -12.98
C ILE A 142 11.28 8.05 -13.41
N GLY A 143 12.08 7.46 -12.52
CA GLY A 143 13.44 7.05 -12.79
C GLY A 143 13.89 6.18 -11.64
N THR A 144 15.08 5.57 -11.80
CA THR A 144 15.63 4.69 -10.78
C THR A 144 16.68 5.35 -9.91
N GLY A 145 17.02 6.62 -10.18
CA GLY A 145 18.04 7.31 -9.43
C GLY A 145 17.54 7.86 -8.10
N ASP A 146 18.42 8.59 -7.42
CA ASP A 146 18.12 9.11 -6.10
C ASP A 146 17.86 10.62 -6.06
N SER A 147 18.25 11.37 -7.08
CA SER A 147 17.99 12.80 -7.08
C SER A 147 16.49 13.06 -7.25
N SER A 148 16.07 14.25 -6.82
CA SER A 148 14.66 14.55 -6.72
C SER A 148 13.94 14.44 -8.06
N ASP A 149 14.66 14.62 -9.18
CA ASP A 149 14.02 14.53 -10.49
C ASP A 149 13.53 13.12 -10.81
N ASN A 150 13.87 12.12 -10.01
CA ASN A 150 13.36 10.77 -10.22
C ASN A 150 11.99 10.55 -9.59
N PHE A 151 11.44 11.56 -8.90
CA PHE A 151 10.21 11.39 -8.14
C PHE A 151 9.23 12.50 -8.48
N VAL A 152 7.95 12.14 -8.41
CA VAL A 152 6.86 13.11 -8.39
C VAL A 152 6.10 12.84 -7.10
N LYS A 153 6.08 13.82 -6.21
CA LYS A 153 5.45 13.68 -4.91
C LYS A 153 4.26 14.62 -4.83
N THR A 154 3.17 14.14 -4.24
CA THR A 154 1.91 14.88 -4.23
C THR A 154 1.26 14.73 -2.86
N HIS A 155 0.71 15.84 -2.38
CA HIS A 155 -0.20 15.81 -1.23
C HIS A 155 -1.54 15.25 -1.68
N LEU A 156 -1.89 14.08 -1.16
CA LEU A 156 -3.16 13.46 -1.52
C LEU A 156 -4.32 13.93 -0.65
N ALA A 157 -4.07 14.16 0.64
CA ALA A 157 -5.09 14.50 1.60
C ALA A 157 -4.44 14.69 2.95
N ASP A 158 -4.99 15.53 3.80
CA ASP A 158 -4.63 15.46 5.21
C ASP A 158 -5.26 14.22 5.84
N ARG A 159 -4.56 13.62 6.80
CA ARG A 159 -5.09 12.42 7.46
C ARG A 159 -6.40 12.76 8.14
N THR A 160 -7.39 11.88 8.02
CA THR A 160 -8.67 12.04 8.69
C THR A 160 -8.83 11.00 9.79
N ALA A 161 -9.67 11.32 10.76
CA ALA A 161 -10.06 10.33 11.75
C ALA A 161 -10.85 9.20 11.10
N GLY A 162 -11.77 9.53 10.20
CA GLY A 162 -12.60 8.54 9.56
C GLY A 162 -11.88 7.82 8.42
N ALA A 163 -12.53 6.75 7.96
CA ALA A 163 -12.01 6.00 6.82
C ALA A 163 -11.83 6.91 5.62
N MET A 164 -10.75 6.66 4.88
CA MET A 164 -10.42 7.39 3.68
C MET A 164 -10.28 6.36 2.56
N SER A 165 -10.98 6.58 1.46
CA SER A 165 -10.88 5.65 0.35
CA SER A 165 -10.90 5.66 0.34
C SER A 165 -9.81 6.07 -0.64
N PHE A 166 -9.19 5.07 -1.24
CA PHE A 166 -8.19 5.24 -2.28
C PHE A 166 -8.53 4.33 -3.44
N GLN A 167 -8.39 4.85 -4.65
CA GLN A 167 -8.43 4.01 -5.83
CA GLN A 167 -8.43 4.01 -5.84
C GLN A 167 -7.20 4.34 -6.67
N ILE A 168 -6.40 3.33 -6.94
CA ILE A 168 -5.23 3.40 -7.79
C ILE A 168 -5.62 2.73 -9.10
N ASP A 169 -5.59 3.46 -10.20
CA ASP A 169 -5.86 2.91 -11.53
C ASP A 169 -4.62 3.09 -12.39
N VAL A 170 -4.20 2.01 -13.04
CA VAL A 170 -3.13 2.04 -14.01
C VAL A 170 -3.70 1.56 -15.34
N LYS A 171 -3.61 2.41 -16.36
CA LYS A 171 -4.07 2.05 -17.69
C LYS A 171 -3.22 2.79 -18.71
N ASP A 172 -2.68 2.06 -19.67
CA ASP A 172 -1.99 2.66 -20.82
C ASP A 172 -0.89 3.62 -20.37
N SER A 173 -0.11 3.16 -19.39
CA SER A 173 1.03 3.88 -18.83
CA SER A 173 1.03 3.88 -18.84
C SER A 173 0.65 5.17 -18.13
N LYS A 174 -0.59 5.29 -17.66
CA LYS A 174 -1.06 6.43 -16.91
CA LYS A 174 -1.06 6.43 -16.91
C LYS A 174 -1.60 5.98 -15.56
N LEU A 175 -1.25 6.73 -14.53
CA LEU A 175 -1.66 6.46 -13.16
C LEU A 175 -2.67 7.51 -12.72
N THR A 176 -3.79 7.06 -12.16
CA THR A 176 -4.78 7.93 -11.54
C THR A 176 -4.98 7.49 -10.10
N ILE A 177 -4.97 8.46 -9.20
CA ILE A 177 -5.24 8.21 -7.79
C ILE A 177 -6.43 9.06 -7.39
N THR A 178 -7.47 8.37 -6.90
CA THR A 178 -8.70 8.97 -6.43
C THR A 178 -8.75 8.79 -4.91
N VAL A 179 -9.10 9.84 -4.19
CA VAL A 179 -9.15 9.84 -2.74
C VAL A 179 -10.52 10.32 -2.32
N ASN A 180 -11.24 9.51 -1.55
CA ASN A 180 -12.61 9.85 -1.15
C ASN A 180 -13.44 10.30 -2.35
N GLY A 181 -13.28 9.60 -3.48
CA GLY A 181 -14.08 9.84 -4.67
C GLY A 181 -13.60 10.98 -5.55
N ASN A 182 -12.55 11.69 -5.17
CA ASN A 182 -12.06 12.83 -5.93
C ASN A 182 -10.74 12.46 -6.59
N VAL A 183 -10.63 12.69 -7.90
CA VAL A 183 -9.36 12.49 -8.57
C VAL A 183 -8.36 13.52 -8.08
N VAL A 184 -7.23 13.05 -7.56
N VAL A 184 -7.26 13.05 -7.52
CA VAL A 184 -6.18 13.91 -7.05
CA VAL A 184 -6.18 13.91 -7.07
C VAL A 184 -4.96 13.89 -7.95
C VAL A 184 -5.04 13.89 -8.08
N VAL A 185 -4.55 12.70 -8.41
CA VAL A 185 -3.51 12.52 -9.40
C VAL A 185 -4.20 12.03 -10.66
N ASN A 186 -4.10 12.81 -11.73
CA ASN A 186 -4.88 12.58 -12.95
C ASN A 186 -3.90 12.24 -14.07
N GLY A 187 -3.74 10.95 -14.34
CA GLY A 187 -2.95 10.55 -15.48
C GLY A 187 -1.47 10.85 -15.40
N GLN A 188 -0.85 10.63 -14.24
CA GLN A 188 0.60 10.69 -14.11
C GLN A 188 1.25 9.69 -15.08
N ASP A 189 2.28 10.15 -15.78
CA ASP A 189 2.96 9.32 -16.76
C ASP A 189 3.81 8.25 -16.07
N LEU A 190 3.61 7.00 -16.47
CA LEU A 190 4.42 5.86 -16.02
C LEU A 190 5.28 5.29 -17.15
N SER A 191 5.45 6.03 -18.25
N SER A 191 5.45 6.05 -18.24
CA SER A 191 6.12 5.48 -19.42
CA SER A 191 6.14 5.56 -19.43
C SER A 191 7.58 5.11 -19.18
C SER A 191 7.57 5.10 -19.16
N PHE A 192 8.21 5.65 -18.12
CA PHE A 192 9.56 5.18 -17.80
C PHE A 192 9.57 3.68 -17.61
N TRP A 193 8.45 3.11 -17.16
CA TRP A 193 8.35 1.69 -16.84
C TRP A 193 7.88 0.85 -18.02
N ASP A 194 7.76 1.44 -19.22
CA ASP A 194 7.38 0.66 -20.39
C ASP A 194 8.43 -0.42 -20.64
N GLY A 195 7.97 -1.65 -20.82
CA GLY A 195 8.83 -2.80 -20.99
C GLY A 195 8.97 -3.64 -19.74
N THR A 196 8.62 -3.09 -18.57
CA THR A 196 8.67 -3.82 -17.31
C THR A 196 7.42 -4.67 -17.17
N ASP A 197 7.58 -5.96 -16.88
CA ASP A 197 6.43 -6.86 -16.77
CA ASP A 197 6.42 -6.85 -16.77
C ASP A 197 6.37 -7.52 -15.40
N SER A 198 6.93 -6.87 -14.39
CA SER A 198 7.02 -7.43 -13.05
C SER A 198 6.29 -6.58 -12.00
N CYS A 199 5.40 -5.69 -12.42
CA CYS A 199 4.70 -4.85 -11.46
C CYS A 199 3.65 -5.64 -10.70
N TYR A 200 3.36 -5.20 -9.48
CA TYR A 200 2.35 -5.82 -8.64
C TYR A 200 1.92 -4.82 -7.59
N PHE A 201 0.76 -5.04 -7.03
CA PHE A 201 0.26 -4.24 -5.92
C PHE A 201 0.75 -4.77 -4.57
N LYS A 202 0.87 -3.85 -3.61
CA LYS A 202 1.08 -4.16 -2.20
C LYS A 202 0.18 -3.28 -1.35
N ALA A 203 -0.08 -3.72 -0.12
CA ALA A 203 -0.81 -2.88 0.83
C ALA A 203 -0.58 -3.40 2.23
N GLY A 204 -0.62 -2.49 3.20
CA GLY A 204 -0.47 -2.87 4.59
C GLY A 204 0.22 -1.75 5.33
N ALA A 205 1.34 -2.07 5.99
CA ALA A 205 2.14 -1.10 6.71
C ALA A 205 3.61 -1.41 6.49
N PHE A 206 4.34 -0.47 5.90
CA PHE A 206 5.77 -0.59 5.66
C PHE A 206 6.38 0.66 6.27
N ASN A 207 7.18 0.47 7.32
CA ASN A 207 7.60 1.55 8.22
C ASN A 207 8.89 2.18 7.72
N ASN A 208 8.82 3.45 7.34
CA ASN A 208 9.93 4.14 6.70
C ASN A 208 10.53 5.20 7.62
N ASN A 209 11.83 5.13 7.86
CA ASN A 209 12.57 6.18 8.56
C ASN A 209 11.99 6.54 9.93
N PRO A 210 11.64 5.56 10.77
CA PRO A 210 11.18 5.90 12.13
C PRO A 210 12.31 6.52 12.93
N THR A 211 11.94 7.29 13.94
CA THR A 211 12.97 7.83 14.83
C THR A 211 13.28 6.93 16.00
N SER A 212 12.43 5.93 16.24
CA SER A 212 12.65 4.91 17.25
CA SER A 212 12.67 4.92 17.26
C SER A 212 12.39 3.55 16.64
N GLU A 213 13.22 2.57 16.97
CA GLU A 213 13.03 1.24 16.41
C GLU A 213 11.87 0.49 17.06
N SER A 214 11.41 0.93 18.22
CA SER A 214 10.36 0.22 18.93
C SER A 214 8.97 0.77 18.64
N ALA A 215 8.86 1.94 18.02
CA ALA A 215 7.57 2.57 17.78
C ALA A 215 6.78 1.79 16.73
N THR A 216 5.54 1.43 17.06
CA THR A 216 4.75 0.54 16.22
C THR A 216 3.76 1.31 15.35
N ALA A 217 3.98 1.26 14.05
CA ALA A 217 3.03 1.75 13.06
C ALA A 217 1.79 0.86 13.05
N ARG A 218 0.62 1.46 12.80
CA ARG A 218 -0.63 0.71 12.85
C ARG A 218 -1.58 1.29 11.82
N ILE A 219 -2.10 0.44 10.95
CA ILE A 219 -2.94 0.87 9.82
C ILE A 219 -4.09 -0.11 9.69
N LYS A 220 -5.32 0.40 9.53
CA LYS A 220 -6.52 -0.44 9.49
C LYS A 220 -7.20 -0.35 8.13
N PHE A 221 -7.47 -1.49 7.51
CA PHE A 221 -8.20 -1.52 6.25
C PHE A 221 -9.64 -1.98 6.48
N ALA A 222 -10.60 -1.14 6.12
CA ALA A 222 -11.99 -1.55 6.09
C ALA A 222 -12.34 -2.29 4.79
N ALA A 223 -11.54 -2.10 3.76
CA ALA A 223 -11.76 -2.73 2.47
C ALA A 223 -10.45 -2.73 1.72
N LEU A 224 -10.23 -3.77 0.92
CA LEU A 224 -9.10 -3.81 0.01
C LEU A 224 -9.41 -4.79 -1.10
N ALA A 225 -9.23 -4.36 -2.36
CA ALA A 225 -9.43 -5.23 -3.51
C ALA A 225 -8.41 -4.88 -4.57
N TRP A 226 -7.91 -5.90 -5.25
CA TRP A 226 -7.04 -5.77 -6.40
CA TRP A 226 -7.07 -5.70 -6.43
C TRP A 226 -7.68 -6.46 -7.58
N VAL A 227 -7.90 -5.73 -8.67
CA VAL A 227 -8.66 -6.25 -9.81
CA VAL A 227 -8.66 -6.24 -9.80
C VAL A 227 -7.96 -5.84 -11.09
N ASP A 228 -8.22 -6.59 -12.14
CA ASP A 228 -7.82 -6.21 -13.48
CA ASP A 228 -7.82 -6.20 -13.49
C ASP A 228 -9.08 -6.13 -14.33
N HIS A 229 -9.34 -4.94 -14.89
CA HIS A 229 -10.51 -4.69 -15.73
C HIS A 229 -10.08 -4.81 -17.19
N HIS A 230 -10.75 -5.69 -17.93
CA HIS A 230 -10.41 -5.90 -19.33
C HIS A 230 -11.68 -5.95 -20.17
#